data_8ETD
#
_entry.id   8ETD
#
_cell.length_a   105.691
_cell.length_b   66.349
_cell.length_c   75.551
_cell.angle_alpha   90.000
_cell.angle_beta   112.780
_cell.angle_gamma   90.000
#
_symmetry.space_group_name_H-M   'C 1 2 1'
#
loop_
_entity.id
_entity.type
_entity.pdbx_description
1 polymer 'GTP-binding protein rho1'
2 non-polymer 'MAGNESIUM ION'
3 non-polymer "GUANOSINE-5'-DIPHOSPHATE"
4 water water
#
_entity_poly.entity_id   1
_entity_poly.type   'polypeptide(L)'
_entity_poly.pdbx_seq_one_letter_code
;MATELRRKLVIVGDGACGKTCLLIVFSKGTFPEVYVPTVFENYVADVEVDGRHVELALWDTAGQEDYDRLRPLSYPDSHV
ILICFAVDSPDSLDNVQEKWISEVLHFCSSLPILLVACKADLRNDPKIIEELSKTNQHPVTTEEGQAVAQKIGAYKYLEC
SAKTNEGVREVFESATRAAMLKHKPKVKPSSGTKKKKRCILL
;
_entity_poly.pdbx_strand_id   A,B
#
loop_
_chem_comp.id
_chem_comp.type
_chem_comp.name
_chem_comp.formula
GDP RNA linking GUANOSINE-5'-DIPHOSPHATE 'C10 H15 N5 O11 P2'
MG non-polymer 'MAGNESIUM ION' 'Mg 2'
#
# COMPACT_ATOMS: atom_id res chain seq x y z
N LEU A 5 -17.56 -4.70 4.95
CA LEU A 5 -16.53 -5.06 3.97
C LEU A 5 -16.59 -4.18 2.70
N ARG A 6 -17.00 -2.90 2.84
CA ARG A 6 -17.34 -2.04 1.71
C ARG A 6 -16.44 -0.80 1.66
N ARG A 7 -15.98 -0.43 0.46
CA ARG A 7 -15.23 0.81 0.30
C ARG A 7 -15.71 1.55 -0.94
N LYS A 8 -15.45 2.85 -0.97
CA LYS A 8 -15.86 3.70 -2.09
C LYS A 8 -14.63 4.32 -2.77
N LEU A 9 -14.62 4.29 -4.11
CA LEU A 9 -13.60 4.93 -4.94
C LEU A 9 -14.25 5.95 -5.86
N VAL A 10 -13.64 7.13 -5.97
CA VAL A 10 -14.02 8.12 -6.98
C VAL A 10 -12.84 8.36 -7.90
N ILE A 11 -13.13 8.44 -9.19
CA ILE A 11 -12.14 8.65 -10.22
C ILE A 11 -12.42 9.96 -10.91
N VAL A 12 -11.40 10.80 -10.99
CA VAL A 12 -11.52 12.12 -11.60
C VAL A 12 -10.34 12.32 -12.55
N GLY A 13 -10.47 13.31 -13.42
CA GLY A 13 -9.47 13.67 -14.39
C GLY A 13 -10.11 14.25 -15.63
N ASP A 14 -9.28 14.83 -16.50
CA ASP A 14 -9.79 15.50 -17.70
C ASP A 14 -10.73 14.61 -18.50
N GLY A 15 -11.69 15.23 -19.17
CA GLY A 15 -12.50 14.49 -20.13
C GLY A 15 -11.65 13.81 -21.18
N ALA A 16 -12.04 12.59 -21.54
CA ALA A 16 -11.37 11.72 -22.53
C ALA A 16 -9.98 11.24 -22.12
N CYS A 17 -9.63 11.30 -20.84
CA CYS A 17 -8.31 10.80 -20.46
C CYS A 17 -8.35 9.29 -20.26
N GLY A 18 -9.53 8.70 -20.27
CA GLY A 18 -9.73 7.28 -20.17
C GLY A 18 -10.34 6.75 -18.91
N LYS A 19 -11.04 7.59 -18.13
CA LYS A 19 -11.59 7.16 -16.85
C LYS A 19 -12.66 6.10 -17.01
N THR A 20 -13.66 6.36 -17.86
CA THR A 20 -14.79 5.44 -18.03
C THR A 20 -14.35 4.08 -18.58
N CYS A 21 -13.49 4.07 -19.60
CA CYS A 21 -13.04 2.80 -20.16
C CYS A 21 -12.28 1.97 -19.12
N LEU A 22 -11.49 2.62 -18.28
CA LEU A 22 -10.76 1.91 -17.25
C LEU A 22 -11.66 1.17 -16.27
N LEU A 23 -12.72 1.84 -15.79
CA LEU A 23 -13.69 1.18 -14.93
C LEU A 23 -14.40 0.01 -15.61
N ILE A 24 -14.86 0.21 -16.85
CA ILE A 24 -15.58 -0.85 -17.56
C ILE A 24 -14.69 -2.07 -17.77
N VAL A 25 -13.44 -1.86 -18.15
CA VAL A 25 -12.56 -3.00 -18.37
C VAL A 25 -12.35 -3.75 -17.05
N PHE A 26 -12.15 -3.02 -15.96
CA PHE A 26 -11.96 -3.70 -14.68
C PHE A 26 -13.24 -4.39 -14.23
N SER A 27 -14.39 -3.72 -14.38
CA SER A 27 -15.65 -4.24 -13.86
C SER A 27 -16.18 -5.37 -14.73
N LYS A 28 -16.21 -5.15 -16.03
CA LYS A 28 -16.89 -6.03 -16.96
C LYS A 28 -15.94 -6.92 -17.74
N GLY A 29 -14.67 -6.57 -17.85
CA GLY A 29 -13.74 -7.51 -18.42
C GLY A 29 -13.48 -7.33 -19.90
N THR A 30 -14.15 -6.40 -20.56
CA THR A 30 -14.00 -6.18 -21.99
C THR A 30 -13.86 -4.70 -22.30
N PHE A 31 -12.98 -4.36 -23.24
CA PHE A 31 -12.79 -2.93 -23.49
C PHE A 31 -14.00 -2.47 -24.28
N PRO A 32 -14.63 -1.35 -23.91
CA PRO A 32 -15.88 -0.93 -24.57
C PRO A 32 -15.70 -0.12 -25.85
N GLU A 33 -16.10 -0.73 -26.97
CA GLU A 33 -15.84 -0.11 -28.25
C GLU A 33 -17.10 0.36 -28.94
N VAL A 34 -18.27 -0.18 -28.59
CA VAL A 34 -19.46 0.12 -29.36
C VAL A 34 -20.01 1.34 -28.65
N TYR A 35 -20.57 1.13 -27.48
CA TYR A 35 -21.18 2.18 -26.68
C TYR A 35 -20.21 2.55 -25.57
N VAL A 36 -19.85 3.83 -25.39
CA VAL A 36 -19.14 4.25 -24.20
C VAL A 36 -19.93 5.41 -23.58
N PRO A 37 -20.43 5.27 -22.37
CA PRO A 37 -21.10 6.37 -21.67
C PRO A 37 -20.14 7.46 -21.17
N THR A 38 -20.72 8.61 -20.89
CA THR A 38 -19.92 9.68 -20.35
C THR A 38 -19.35 9.25 -19.00
N VAL A 39 -20.21 8.68 -18.15
CA VAL A 39 -19.82 8.10 -16.87
C VAL A 39 -20.41 6.69 -16.78
N PHE A 40 -19.65 5.75 -16.23
CA PHE A 40 -20.16 4.41 -16.00
C PHE A 40 -21.25 4.45 -14.93
N GLU A 41 -22.25 3.57 -15.05
CA GLU A 41 -23.18 3.36 -13.94
C GLU A 41 -22.39 3.04 -12.68
N ASN A 42 -22.87 3.55 -11.54
CA ASN A 42 -22.29 3.11 -10.28
C ASN A 42 -22.34 1.59 -10.19
N TYR A 43 -21.25 0.98 -9.71
CA TYR A 43 -21.00 -0.45 -9.73
C TYR A 43 -20.16 -0.84 -8.52
N VAL A 44 -20.44 -2.00 -7.94
CA VAL A 44 -19.65 -2.51 -6.82
C VAL A 44 -18.86 -3.75 -7.22
N ALA A 45 -17.53 -3.60 -7.27
CA ALA A 45 -16.56 -4.65 -7.59
C ALA A 45 -16.11 -5.43 -6.36
N ASP A 46 -15.92 -6.74 -6.51
CA ASP A 46 -15.17 -7.51 -5.50
C ASP A 46 -13.68 -7.56 -5.80
N VAL A 47 -12.91 -7.09 -4.82
CA VAL A 47 -11.47 -6.97 -4.85
C VAL A 47 -10.94 -7.76 -3.66
N GLU A 48 -10.04 -8.69 -3.93
CA GLU A 48 -9.35 -9.53 -2.96
C GLU A 48 -8.00 -8.96 -2.53
N VAL A 49 -7.82 -8.77 -1.22
CA VAL A 49 -6.58 -8.24 -0.66
C VAL A 49 -6.32 -9.11 0.57
N ASP A 50 -5.10 -9.66 0.64
CA ASP A 50 -4.61 -10.42 1.81
C ASP A 50 -5.65 -11.47 2.16
N GLY A 51 -6.24 -12.07 1.11
CA GLY A 51 -7.22 -13.11 1.26
C GLY A 51 -8.61 -12.60 1.57
N ARG A 52 -8.80 -11.30 1.76
CA ARG A 52 -10.09 -10.71 2.13
C ARG A 52 -10.79 -10.19 0.88
N HIS A 53 -12.07 -10.52 0.73
CA HIS A 53 -12.91 -9.93 -0.28
C HIS A 53 -13.58 -8.67 0.26
N VAL A 54 -13.30 -7.55 -0.38
CA VAL A 54 -13.87 -6.24 -0.05
C VAL A 54 -14.65 -5.81 -1.29
N GLU A 55 -15.78 -5.17 -1.04
CA GLU A 55 -16.63 -4.58 -2.06
C GLU A 55 -16.19 -3.14 -2.28
N LEU A 56 -15.85 -2.84 -3.53
CA LEU A 56 -15.35 -1.53 -3.91
C LEU A 56 -16.38 -0.92 -4.86
N ALA A 57 -17.09 0.11 -4.36
CA ALA A 57 -18.02 0.93 -5.13
C ALA A 57 -17.31 1.92 -6.06
N LEU A 58 -17.62 1.86 -7.34
CA LEU A 58 -16.90 2.62 -8.36
C LEU A 58 -17.76 3.83 -8.75
N TRP A 59 -17.25 5.04 -8.47
CA TRP A 59 -17.94 6.30 -8.78
C TRP A 59 -17.21 7.07 -9.89
N ASP A 60 -17.77 7.03 -11.10
CA ASP A 60 -17.25 7.75 -12.25
C ASP A 60 -17.73 9.21 -12.24
N THR A 61 -16.93 10.11 -12.84
CA THR A 61 -17.25 11.54 -12.86
C THR A 61 -16.90 12.10 -14.24
N ALA A 62 -17.43 13.29 -14.56
CA ALA A 62 -17.13 13.95 -15.84
C ALA A 62 -17.17 15.48 -15.72
N GLY A 63 -17.00 16.15 -16.87
CA GLY A 63 -17.10 17.60 -16.97
C GLY A 63 -18.02 18.20 -18.02
N ASP A 66 -24.00 19.07 -17.85
CA ASP A 66 -24.29 19.40 -16.45
C ASP A 66 -23.50 18.50 -15.50
N TYR A 67 -22.21 18.35 -15.80
CA TYR A 67 -21.33 17.50 -15.02
C TYR A 67 -20.19 18.22 -14.30
N ASP A 68 -19.69 19.33 -14.84
CA ASP A 68 -18.62 20.09 -14.21
C ASP A 68 -19.09 20.63 -12.86
N ARG A 69 -20.41 20.87 -12.72
CA ARG A 69 -21.01 21.44 -11.53
C ARG A 69 -21.57 20.41 -10.53
N LEU A 70 -22.12 19.29 -10.98
CA LEU A 70 -22.67 18.21 -10.13
C LEU A 70 -21.60 17.28 -9.56
N ARG A 71 -20.41 17.27 -10.12
CA ARG A 71 -19.35 16.34 -9.71
C ARG A 71 -19.03 16.31 -8.22
N PRO A 72 -19.01 17.44 -7.49
CA PRO A 72 -18.74 17.39 -6.04
C PRO A 72 -19.65 16.47 -5.24
N LEU A 73 -20.87 16.16 -5.72
CA LEU A 73 -21.74 15.28 -4.94
C LEU A 73 -21.27 13.84 -4.92
N SER A 74 -20.25 13.51 -5.70
CA SER A 74 -19.65 12.18 -5.65
C SER A 74 -18.65 12.05 -4.51
N TYR A 75 -18.08 13.14 -4.01
CA TYR A 75 -17.00 13.00 -3.04
C TYR A 75 -17.40 12.50 -1.65
N PRO A 76 -18.61 12.74 -1.15
CA PRO A 76 -18.87 12.35 0.24
C PRO A 76 -18.70 10.84 0.39
N ASP A 77 -18.12 10.46 1.54
CA ASP A 77 -17.94 9.06 1.97
C ASP A 77 -16.97 8.28 1.08
N SER A 78 -16.07 8.96 0.39
CA SER A 78 -15.04 8.24 -0.31
C SER A 78 -13.96 7.75 0.65
N HIS A 79 -13.25 6.73 0.22
CA HIS A 79 -12.08 6.20 0.92
C HIS A 79 -10.79 6.34 0.13
N VAL A 80 -10.88 6.48 -1.19
CA VAL A 80 -9.74 6.57 -2.08
C VAL A 80 -10.15 7.30 -3.34
N ILE A 81 -9.25 8.12 -3.85
CA ILE A 81 -9.47 8.92 -5.06
C ILE A 81 -8.43 8.54 -6.10
N LEU A 82 -8.89 8.33 -7.32
CA LEU A 82 -8.01 8.18 -8.48
C LEU A 82 -8.04 9.49 -9.24
N ILE A 83 -6.88 10.12 -9.38
CA ILE A 83 -6.73 11.24 -10.29
C ILE A 83 -6.02 10.68 -11.51
N CYS A 84 -6.65 10.82 -12.66
CA CYS A 84 -6.19 10.26 -13.91
C CYS A 84 -5.69 11.34 -14.86
N PHE A 85 -4.75 10.94 -15.70
CA PHE A 85 -4.36 11.68 -16.88
C PHE A 85 -4.07 10.65 -17.97
N ALA A 86 -3.91 11.12 -19.20
CA ALA A 86 -3.59 10.26 -20.33
C ALA A 86 -2.13 10.45 -20.74
N VAL A 87 -1.44 9.34 -21.04
CA VAL A 87 -0.03 9.42 -21.39
C VAL A 87 0.17 10.21 -22.68
N ASP A 88 -0.79 10.16 -23.61
CA ASP A 88 -0.62 10.91 -24.84
C ASP A 88 -0.99 12.40 -24.68
N SER A 89 -1.29 12.86 -23.47
CA SER A 89 -1.68 14.25 -23.25
C SER A 89 -0.96 14.81 -22.03
N PRO A 90 0.22 15.38 -22.24
CA PRO A 90 0.87 16.14 -21.15
C PRO A 90 0.00 17.24 -20.58
N ASP A 91 -0.89 17.84 -21.39
CA ASP A 91 -1.80 18.85 -20.85
C ASP A 91 -2.65 18.29 -19.72
N SER A 92 -3.09 17.03 -19.86
CA SER A 92 -3.91 16.40 -18.83
C SER A 92 -3.11 16.13 -17.58
N LEU A 93 -1.80 15.93 -17.74
CA LEU A 93 -0.93 15.87 -16.58
C LEU A 93 -0.79 17.26 -15.94
N ASP A 94 -0.68 18.31 -16.75
CA ASP A 94 -0.59 19.64 -16.18
C ASP A 94 -1.82 20.00 -15.34
N ASN A 95 -3.01 19.55 -15.76
CA ASN A 95 -4.23 19.80 -15.01
C ASN A 95 -4.34 19.07 -13.67
N VAL A 96 -3.61 17.98 -13.49
CA VAL A 96 -3.65 17.34 -12.18
C VAL A 96 -3.35 18.37 -11.08
N GLN A 97 -2.29 19.16 -11.25
CA GLN A 97 -1.96 20.18 -10.26
C GLN A 97 -2.76 21.47 -10.45
N GLU A 98 -3.03 21.87 -11.70
CA GLU A 98 -3.66 23.18 -11.90
C GLU A 98 -5.14 23.13 -11.52
N LYS A 99 -5.78 21.96 -11.63
CA LYS A 99 -7.22 21.87 -11.39
C LYS A 99 -7.57 20.78 -10.35
N TRP A 100 -7.11 19.55 -10.58
CA TRP A 100 -7.68 18.42 -9.85
C TRP A 100 -7.22 18.29 -8.38
N ILE A 101 -5.95 18.53 -8.08
CA ILE A 101 -5.49 18.34 -6.70
C ILE A 101 -6.20 19.29 -5.74
N SER A 102 -6.39 20.54 -6.14
CA SER A 102 -7.03 21.50 -5.24
C SER A 102 -8.48 21.13 -4.98
N GLU A 103 -9.18 20.65 -6.01
CA GLU A 103 -10.55 20.19 -5.83
C GLU A 103 -10.65 19.00 -4.88
N VAL A 104 -9.88 17.93 -5.10
CA VAL A 104 -10.04 16.78 -4.20
C VAL A 104 -9.70 17.18 -2.76
N LEU A 105 -8.64 17.96 -2.55
CA LEU A 105 -8.37 18.41 -1.17
C LEU A 105 -9.45 19.36 -0.64
N HIS A 106 -10.09 20.14 -1.50
CA HIS A 106 -11.17 21.00 -1.02
C HIS A 106 -12.34 20.20 -0.44
N PHE A 107 -12.71 19.10 -1.10
CA PHE A 107 -13.89 18.30 -0.81
C PHE A 107 -13.62 17.05 0.03
N CYS A 108 -12.37 16.61 0.17
CA CYS A 108 -12.10 15.31 0.75
C CYS A 108 -10.97 15.45 1.75
N SER A 109 -9.83 15.98 1.31
CA SER A 109 -8.76 16.44 2.21
C SER A 109 -8.09 15.27 2.95
N SER A 110 -8.87 14.30 3.41
CA SER A 110 -8.39 13.25 4.30
C SER A 110 -7.90 12.02 3.55
N LEU A 111 -8.07 11.95 2.28
CA LEU A 111 -8.10 10.67 1.60
C LEU A 111 -6.80 10.38 0.87
N PRO A 112 -6.43 9.09 0.77
CA PRO A 112 -5.25 8.75 -0.03
C PRO A 112 -5.57 8.96 -1.50
N ILE A 113 -4.60 9.49 -2.23
CA ILE A 113 -4.76 9.76 -3.65
C ILE A 113 -3.78 8.92 -4.45
N LEU A 114 -4.30 8.22 -5.47
CA LEU A 114 -3.47 7.58 -6.48
C LEU A 114 -3.45 8.43 -7.74
N LEU A 115 -2.26 8.64 -8.30
CA LEU A 115 -2.14 9.23 -9.62
C LEU A 115 -1.98 8.11 -10.63
N VAL A 116 -2.86 8.07 -11.64
CA VAL A 116 -2.95 6.98 -12.60
C VAL A 116 -2.72 7.48 -14.02
N ALA A 117 -1.60 7.06 -14.61
CA ALA A 117 -1.34 7.27 -16.03
C ALA A 117 -2.19 6.32 -16.85
N CYS A 118 -3.06 6.86 -17.70
CA CYS A 118 -3.91 6.02 -18.52
C CYS A 118 -3.43 6.06 -19.97
N LYS A 119 -3.92 5.09 -20.76
CA LYS A 119 -3.59 4.98 -22.18
C LYS A 119 -2.09 4.77 -22.36
N ALA A 120 -1.49 4.03 -21.43
CA ALA A 120 -0.04 3.79 -21.46
C ALA A 120 0.37 3.06 -22.72
N ASP A 121 -0.54 2.33 -23.36
CA ASP A 121 -0.23 1.69 -24.64
C ASP A 121 0.18 2.69 -25.72
N LEU A 122 -0.14 3.97 -25.56
CA LEU A 122 0.19 4.98 -26.56
C LEU A 122 1.57 5.60 -26.37
N ARG A 123 2.32 5.21 -25.34
CA ARG A 123 3.59 5.89 -25.06
C ARG A 123 4.54 5.78 -26.23
N ASN A 124 4.60 4.60 -26.85
CA ASN A 124 5.47 4.37 -27.99
C ASN A 124 4.71 4.33 -29.31
N ASP A 125 3.53 4.94 -29.40
CA ASP A 125 2.79 4.91 -30.65
C ASP A 125 3.32 6.01 -31.56
N PRO A 126 3.80 5.68 -32.77
CA PRO A 126 4.51 6.70 -33.57
C PRO A 126 3.66 7.89 -33.94
N LYS A 127 2.40 7.66 -34.29
CA LYS A 127 1.52 8.76 -34.68
C LYS A 127 1.31 9.73 -33.52
N ILE A 128 1.17 9.20 -32.31
CA ILE A 128 1.03 10.05 -31.13
C ILE A 128 2.27 10.92 -30.95
N ILE A 129 3.46 10.32 -31.10
CA ILE A 129 4.72 11.00 -30.81
C ILE A 129 4.89 12.19 -31.75
N GLU A 130 4.57 11.98 -33.03
CA GLU A 130 4.62 13.03 -34.04
C GLU A 130 3.61 14.15 -33.78
N GLU A 131 2.38 13.81 -33.35
CA GLU A 131 1.42 14.87 -33.06
C GLU A 131 1.93 15.77 -31.93
N LEU A 132 2.38 15.18 -30.83
CA LEU A 132 2.90 15.96 -29.72
C LEU A 132 4.17 16.71 -30.10
N SER A 133 4.92 16.18 -31.07
CA SER A 133 6.11 16.87 -31.56
C SER A 133 5.76 18.25 -32.06
N LYS A 134 4.64 18.33 -32.78
CA LYS A 134 4.22 19.59 -33.41
C LYS A 134 4.00 20.67 -32.36
N THR A 135 3.66 20.31 -31.13
CA THR A 135 3.56 21.30 -30.06
C THR A 135 4.69 21.18 -29.05
N ASN A 136 5.85 20.64 -29.46
CA ASN A 136 7.06 20.61 -28.63
C ASN A 136 6.87 19.76 -27.38
N GLN A 137 6.12 18.68 -27.51
CA GLN A 137 5.79 17.83 -26.38
C GLN A 137 6.08 16.39 -26.78
N HIS A 138 6.09 15.50 -25.79
CA HIS A 138 6.26 14.08 -26.03
C HIS A 138 5.33 13.33 -25.08
N PRO A 139 5.04 12.06 -25.34
CA PRO A 139 4.25 11.30 -24.36
C PRO A 139 4.85 11.44 -22.97
N VAL A 140 3.98 11.41 -21.95
CA VAL A 140 4.46 11.46 -20.57
C VAL A 140 5.33 10.25 -20.27
N THR A 141 6.48 10.50 -19.66
CA THR A 141 7.36 9.44 -19.20
C THR A 141 6.98 9.01 -17.78
N THR A 142 7.52 7.86 -17.37
CA THR A 142 7.37 7.44 -15.99
C THR A 142 7.96 8.47 -15.03
N GLU A 143 9.11 9.03 -15.37
CA GLU A 143 9.76 10.00 -14.51
C GLU A 143 8.86 11.23 -14.36
N GLU A 144 8.32 11.71 -15.47
CA GLU A 144 7.47 12.90 -15.47
C GLU A 144 6.21 12.67 -14.64
N GLY A 145 5.71 11.43 -14.60
CA GLY A 145 4.49 11.16 -13.84
C GLY A 145 4.77 11.04 -12.35
N GLN A 146 5.83 10.31 -12.01
CA GLN A 146 6.28 10.16 -10.63
C GLN A 146 6.59 11.51 -9.99
N ALA A 147 7.15 12.44 -10.77
CA ALA A 147 7.45 13.76 -10.23
C ALA A 147 6.17 14.47 -9.82
N VAL A 148 5.10 14.31 -10.59
CA VAL A 148 3.84 14.97 -10.24
C VAL A 148 3.18 14.25 -9.06
N ALA A 149 3.31 12.92 -9.03
CA ALA A 149 2.84 12.15 -7.87
C ALA A 149 3.53 12.62 -6.60
N GLN A 150 4.82 12.95 -6.67
CA GLN A 150 5.51 13.52 -5.53
C GLN A 150 4.97 14.91 -5.18
N LYS A 151 4.91 15.84 -6.14
CA LYS A 151 4.39 17.16 -5.83
C LYS A 151 2.98 17.09 -5.28
N ILE A 152 2.26 16.01 -5.64
CA ILE A 152 0.86 15.86 -5.21
C ILE A 152 0.78 15.10 -3.88
N GLY A 153 1.91 14.69 -3.30
CA GLY A 153 1.79 13.93 -2.07
C GLY A 153 0.94 12.69 -2.23
N ALA A 154 0.87 12.15 -3.45
CA ALA A 154 0.01 11.01 -3.72
C ALA A 154 0.51 9.72 -3.08
N TYR A 155 -0.45 8.82 -2.84
CA TYR A 155 -0.15 7.52 -2.20
C TYR A 155 0.67 6.65 -3.16
N LYS A 156 0.27 6.59 -4.44
CA LYS A 156 0.97 5.72 -5.35
C LYS A 156 0.86 6.35 -6.73
N TYR A 157 1.82 6.03 -7.58
CA TYR A 157 1.79 6.37 -8.98
C TYR A 157 1.68 5.04 -9.69
N LEU A 158 0.73 4.94 -10.62
CA LEU A 158 0.59 3.72 -11.40
C LEU A 158 0.32 4.12 -12.84
N GLU A 159 0.75 3.24 -13.77
CA GLU A 159 0.51 3.40 -15.19
C GLU A 159 -0.34 2.23 -15.65
N CYS A 160 -1.20 2.44 -16.64
CA CYS A 160 -2.04 1.33 -17.09
C CYS A 160 -2.52 1.56 -18.51
N SER A 161 -3.03 0.49 -19.12
CA SER A 161 -3.71 0.58 -20.41
C SER A 161 -4.98 -0.27 -20.38
N ALA A 162 -6.14 0.38 -20.38
CA ALA A 162 -7.40 -0.34 -20.53
C ALA A 162 -7.45 -1.11 -21.86
N LYS A 163 -6.96 -0.49 -22.94
CA LYS A 163 -7.10 -1.08 -24.28
C LYS A 163 -6.53 -2.50 -24.32
N THR A 164 -5.35 -2.67 -23.72
CA THR A 164 -4.59 -3.92 -23.71
C THR A 164 -4.65 -4.66 -22.38
N ASN A 165 -5.25 -4.07 -21.35
CA ASN A 165 -5.37 -4.55 -19.97
C ASN A 165 -4.11 -4.48 -19.10
N GLU A 166 -2.95 -4.04 -19.59
CA GLU A 166 -1.77 -3.99 -18.72
C GLU A 166 -2.00 -3.07 -17.52
N GLY A 167 -1.77 -3.60 -16.32
CA GLY A 167 -1.77 -2.81 -15.11
C GLY A 167 -3.11 -2.43 -14.53
N VAL A 168 -4.21 -2.85 -15.16
CA VAL A 168 -5.54 -2.45 -14.69
C VAL A 168 -5.84 -3.09 -13.33
N ARG A 169 -5.63 -4.41 -13.21
CA ARG A 169 -5.93 -5.10 -11.95
C ARG A 169 -5.14 -4.47 -10.82
N GLU A 170 -3.87 -4.16 -11.08
CA GLU A 170 -2.96 -3.60 -10.09
C GLU A 170 -3.42 -2.23 -9.61
N VAL A 171 -3.96 -1.40 -10.51
CA VAL A 171 -4.52 -0.11 -10.12
C VAL A 171 -5.59 -0.28 -9.05
N PHE A 172 -6.58 -1.13 -9.31
CA PHE A 172 -7.69 -1.26 -8.36
C PHE A 172 -7.34 -2.02 -7.10
N GLU A 173 -6.41 -2.97 -7.18
CA GLU A 173 -5.95 -3.65 -5.97
C GLU A 173 -5.19 -2.69 -5.06
N SER A 174 -4.41 -1.78 -5.65
CA SER A 174 -3.69 -0.76 -4.89
C SER A 174 -4.64 0.22 -4.23
N ALA A 175 -5.68 0.65 -4.97
CA ALA A 175 -6.67 1.57 -4.42
C ALA A 175 -7.40 0.96 -3.23
N THR A 176 -7.73 -0.34 -3.31
CA THR A 176 -8.39 -0.99 -2.19
C THR A 176 -7.48 -1.05 -0.97
N ARG A 177 -6.21 -1.36 -1.17
CA ARG A 177 -5.29 -1.36 -0.04
C ARG A 177 -5.24 0.03 0.59
N ALA A 178 -5.18 1.07 -0.24
CA ALA A 178 -5.17 2.45 0.24
C ALA A 178 -6.46 2.80 0.98
N ALA A 179 -7.60 2.37 0.43
CA ALA A 179 -8.90 2.67 1.02
C ALA A 179 -9.06 2.12 2.42
N MET A 180 -8.26 1.14 2.81
CA MET A 180 -8.28 0.65 4.18
C MET A 180 -7.29 1.43 5.07
N LEU A 181 -7.47 2.75 5.07
CA LEU A 181 -6.79 3.67 5.99
C LEU A 181 -7.67 4.87 6.38
N LEU B 5 10.45 14.73 3.88
CA LEU B 5 10.48 13.34 3.43
C LEU B 5 10.88 12.35 4.53
N ARG B 6 10.53 12.59 5.80
CA ARG B 6 11.07 11.76 6.86
C ARG B 6 9.92 11.03 7.56
N ARG B 7 10.09 9.73 7.85
CA ARG B 7 9.08 9.00 8.62
C ARG B 7 9.69 8.09 9.69
N LYS B 8 8.86 7.71 10.67
CA LYS B 8 9.26 6.85 11.77
C LYS B 8 8.48 5.54 11.79
N LEU B 9 9.21 4.43 12.01
CA LEU B 9 8.65 3.08 12.18
C LEU B 9 9.01 2.50 13.55
N VAL B 10 8.01 1.88 14.20
CA VAL B 10 8.20 1.08 15.40
C VAL B 10 7.77 -0.37 15.13
N ILE B 11 8.59 -1.31 15.62
CA ILE B 11 8.38 -2.76 15.48
C ILE B 11 8.24 -3.38 16.86
N VAL B 12 7.15 -4.12 17.07
CA VAL B 12 6.86 -4.77 18.36
C VAL B 12 6.41 -6.21 18.12
N GLY B 13 6.43 -7.00 19.18
CA GLY B 13 6.04 -8.39 19.13
C GLY B 13 6.78 -9.20 20.17
N ASP B 14 6.35 -10.46 20.34
CA ASP B 14 6.94 -11.32 21.38
C ASP B 14 8.46 -11.36 21.30
N GLY B 15 9.08 -11.53 22.46
CA GLY B 15 10.51 -11.77 22.50
C GLY B 15 10.90 -12.99 21.67
N ALA B 16 12.03 -12.87 20.99
CA ALA B 16 12.62 -13.89 20.13
C ALA B 16 11.79 -14.18 18.88
N CYS B 17 10.88 -13.30 18.50
CA CYS B 17 10.13 -13.58 17.30
C CYS B 17 10.90 -13.16 16.05
N GLY B 18 12.01 -12.46 16.20
CA GLY B 18 12.85 -12.08 15.09
C GLY B 18 12.90 -10.61 14.73
N LYS B 19 12.51 -9.71 15.64
CA LYS B 19 12.44 -8.29 15.30
C LYS B 19 13.83 -7.70 15.01
N THR B 20 14.78 -7.89 15.92
CA THR B 20 16.10 -7.27 15.75
C THR B 20 16.84 -7.80 14.51
N CYS B 21 16.81 -9.12 14.30
CA CYS B 21 17.48 -9.70 13.13
C CYS B 21 16.88 -9.18 11.83
N LEU B 22 15.55 -9.00 11.80
CA LEU B 22 14.91 -8.46 10.61
C LEU B 22 15.39 -7.06 10.27
N LEU B 23 15.48 -6.19 11.28
CA LEU B 23 16.03 -4.86 11.06
C LEU B 23 17.48 -4.91 10.58
N ILE B 24 18.30 -5.75 11.23
CA ILE B 24 19.70 -5.86 10.85
C ILE B 24 19.86 -6.37 9.40
N VAL B 25 19.09 -7.39 9.00
CA VAL B 25 19.26 -7.88 7.65
C VAL B 25 18.84 -6.81 6.64
N PHE B 26 17.77 -6.07 6.95
CA PHE B 26 17.33 -5.00 6.06
C PHE B 26 18.35 -3.88 5.98
N SER B 27 18.86 -3.44 7.14
CA SER B 27 19.77 -2.30 7.22
C SER B 27 21.17 -2.66 6.73
N LYS B 28 21.70 -3.77 7.18
CA LYS B 28 23.12 -4.09 6.99
C LYS B 28 23.37 -5.14 5.91
N GLY B 29 22.36 -5.96 5.57
CA GLY B 29 22.45 -6.88 4.47
C GLY B 29 22.89 -8.29 4.83
N THR B 30 23.25 -8.56 6.09
CA THR B 30 23.73 -9.87 6.52
C THR B 30 23.06 -10.31 7.82
N PHE B 31 22.72 -11.59 7.92
CA PHE B 31 21.99 -12.03 9.11
C PHE B 31 23.01 -12.14 10.24
N PRO B 32 22.72 -11.63 11.43
CA PRO B 32 23.74 -11.66 12.50
C PRO B 32 23.73 -12.99 13.23
N GLU B 33 24.82 -13.75 13.06
CA GLU B 33 24.91 -15.15 13.48
C GLU B 33 25.34 -15.43 14.91
N VAL B 34 26.05 -14.54 15.59
CA VAL B 34 26.64 -14.82 16.91
C VAL B 34 26.03 -13.77 17.81
N TYR B 35 26.42 -12.51 17.59
CA TYR B 35 26.00 -11.41 18.43
C TYR B 35 24.76 -10.77 17.85
N VAL B 36 23.71 -10.71 18.66
CA VAL B 36 22.49 -9.98 18.37
C VAL B 36 22.19 -9.05 19.54
N PRO B 37 22.06 -7.76 19.35
CA PRO B 37 21.68 -6.91 20.47
C PRO B 37 20.23 -7.15 20.85
N THR B 38 19.89 -6.75 22.08
CA THR B 38 18.52 -6.89 22.52
C THR B 38 17.62 -6.02 21.65
N VAL B 39 18.04 -4.75 21.45
CA VAL B 39 17.33 -3.88 20.53
C VAL B 39 18.31 -3.26 19.54
N PHE B 40 17.87 -3.16 18.28
CA PHE B 40 18.65 -2.51 17.25
C PHE B 40 18.66 -1.03 17.58
N GLU B 41 19.85 -0.44 17.65
CA GLU B 41 19.98 1.02 17.72
C GLU B 41 19.21 1.69 16.61
N ASN B 42 18.65 2.84 16.95
CA ASN B 42 18.05 3.67 15.93
C ASN B 42 19.02 3.96 14.79
N TYR B 43 18.43 3.87 13.60
CA TYR B 43 18.98 3.85 12.26
C TYR B 43 17.98 4.49 11.35
N VAL B 44 18.47 5.23 10.35
CA VAL B 44 17.63 5.83 9.33
C VAL B 44 17.90 5.13 8.01
N ALA B 45 16.92 4.41 7.49
CA ALA B 45 17.01 3.70 6.23
C ALA B 45 16.64 4.63 5.09
N ASP B 46 17.33 4.52 3.96
CA ASP B 46 16.83 5.16 2.74
C ASP B 46 15.94 4.20 1.98
N VAL B 47 14.69 4.60 1.76
CA VAL B 47 13.70 3.77 1.08
C VAL B 47 13.19 4.56 -0.11
N GLU B 48 13.30 3.96 -1.29
CA GLU B 48 12.82 4.47 -2.56
C GLU B 48 11.43 3.92 -2.87
N VAL B 49 10.47 4.83 -3.09
CA VAL B 49 9.08 4.45 -3.40
C VAL B 49 8.71 5.40 -4.52
N ASP B 50 8.23 4.85 -5.65
CA ASP B 50 7.67 5.61 -6.78
C ASP B 50 8.67 6.69 -7.18
N GLY B 51 9.96 6.34 -7.13
CA GLY B 51 11.02 7.26 -7.50
C GLY B 51 11.38 8.27 -6.42
N ARG B 52 10.61 8.36 -5.35
CA ARG B 52 10.84 9.31 -4.27
C ARG B 52 11.70 8.66 -3.20
N HIS B 53 12.52 9.47 -2.52
CA HIS B 53 13.40 9.00 -1.44
C HIS B 53 12.93 9.56 -0.11
N VAL B 54 12.56 8.66 0.79
CA VAL B 54 12.13 8.97 2.14
C VAL B 54 13.11 8.28 3.09
N GLU B 55 13.42 8.97 4.17
CA GLU B 55 14.22 8.45 5.26
C GLU B 55 13.30 7.81 6.33
N LEU B 56 13.54 6.53 6.63
CA LEU B 56 12.73 5.76 7.57
C LEU B 56 13.59 5.38 8.78
N ALA B 57 13.27 6.01 9.91
CA ALA B 57 13.84 5.68 11.20
C ALA B 57 13.27 4.41 11.80
N LEU B 58 14.13 3.44 12.12
CA LEU B 58 13.70 2.12 12.57
C LEU B 58 13.85 2.08 14.09
N TRP B 59 12.73 1.94 14.81
CA TRP B 59 12.70 1.89 16.27
C TRP B 59 12.34 0.49 16.75
N ASP B 60 13.35 -0.23 17.22
CA ASP B 60 13.21 -1.57 17.77
C ASP B 60 12.75 -1.50 19.23
N THR B 61 12.07 -2.55 19.69
CA THR B 61 11.54 -2.58 21.05
C THR B 61 11.76 -3.98 21.63
N ALA B 62 11.63 -4.10 22.95
CA ALA B 62 11.74 -5.39 23.63
C ALA B 62 10.83 -5.41 24.85
N GLY B 63 10.90 -6.52 25.59
CA GLY B 63 10.20 -6.72 26.85
C GLY B 63 11.07 -7.17 28.00
N GLN B 64 12.22 -6.53 28.23
CA GLN B 64 13.24 -7.01 29.16
C GLN B 64 13.40 -6.01 30.32
N GLU B 65 12.64 -6.25 31.39
CA GLU B 65 12.63 -5.41 32.60
C GLU B 65 12.29 -3.96 32.29
N ASP B 66 13.31 -3.15 32.00
CA ASP B 66 13.10 -1.73 31.69
C ASP B 66 12.71 -1.50 30.23
N TYR B 67 13.15 -2.35 29.28
CA TYR B 67 12.80 -2.09 27.89
C TYR B 67 11.30 -2.23 27.71
N ASP B 68 10.69 -3.10 28.50
CA ASP B 68 9.25 -3.31 28.47
C ASP B 68 8.51 -2.07 28.95
N ARG B 69 8.99 -1.52 30.06
CA ARG B 69 8.40 -0.35 30.74
C ARG B 69 8.47 0.93 29.91
N LEU B 70 9.55 1.09 29.16
CA LEU B 70 9.86 2.21 28.27
C LEU B 70 9.21 2.14 26.89
N ARG B 71 8.74 0.96 26.46
CA ARG B 71 8.22 0.82 25.10
C ARG B 71 7.11 1.78 24.70
N PRO B 72 6.13 2.12 25.54
CA PRO B 72 5.10 3.09 25.12
C PRO B 72 5.66 4.46 24.67
N LEU B 73 6.84 4.85 25.16
CA LEU B 73 7.45 6.12 24.78
C LEU B 73 8.00 6.11 23.36
N SER B 74 8.04 4.95 22.69
CA SER B 74 8.45 4.87 21.28
C SER B 74 7.34 5.26 20.32
N TYR B 75 6.09 5.13 20.73
CA TYR B 75 4.99 5.33 19.79
C TYR B 75 4.81 6.80 19.44
N PRO B 76 5.14 7.77 20.30
CA PRO B 76 4.83 9.15 19.92
C PRO B 76 5.62 9.47 18.67
N ASP B 77 4.97 10.22 17.79
CA ASP B 77 5.51 10.74 16.54
C ASP B 77 5.85 9.61 15.59
N SER B 78 5.22 8.44 15.76
CA SER B 78 5.31 7.33 14.83
C SER B 78 4.41 7.55 13.62
N HIS B 79 4.76 6.87 12.53
CA HIS B 79 3.91 6.84 11.34
C HIS B 79 3.40 5.47 10.95
N VAL B 80 4.05 4.39 11.38
CA VAL B 80 3.64 3.04 11.00
C VAL B 80 4.15 2.07 12.06
N ILE B 81 3.34 1.05 12.35
CA ILE B 81 3.72 0.07 13.35
C ILE B 81 3.79 -1.29 12.66
N LEU B 82 4.85 -2.03 12.93
CA LEU B 82 4.97 -3.42 12.53
C LEU B 82 4.70 -4.26 13.77
N ILE B 83 3.69 -5.10 13.69
CA ILE B 83 3.44 -6.12 14.71
C ILE B 83 3.91 -7.44 14.13
N CYS B 84 4.83 -8.07 14.85
CA CYS B 84 5.49 -9.29 14.42
C CYS B 84 5.03 -10.48 15.24
N PHE B 85 5.08 -11.65 14.60
CA PHE B 85 4.99 -12.94 15.25
C PHE B 85 5.96 -13.86 14.51
N ALA B 86 6.21 -15.03 15.08
CA ALA B 86 7.08 -16.04 14.47
C ALA B 86 6.23 -17.19 13.93
N VAL B 87 6.53 -17.62 12.70
CA VAL B 87 5.75 -18.68 12.05
C VAL B 87 5.83 -19.99 12.83
N ASP B 88 6.98 -20.29 13.44
CA ASP B 88 7.13 -21.49 14.26
C ASP B 88 6.51 -21.37 15.65
N SER B 89 5.81 -20.27 15.95
CA SER B 89 5.24 -20.10 17.28
C SER B 89 3.83 -19.57 17.16
N PRO B 90 2.85 -20.47 17.07
CA PRO B 90 1.44 -20.02 17.15
C PRO B 90 1.11 -19.23 18.41
N ASP B 91 1.79 -19.49 19.52
CA ASP B 91 1.58 -18.71 20.74
C ASP B 91 1.86 -17.24 20.50
N SER B 92 2.89 -16.94 19.72
CA SER B 92 3.22 -15.54 19.43
C SER B 92 2.17 -14.90 18.53
N LEU B 93 1.52 -15.72 17.69
CA LEU B 93 0.38 -15.24 16.95
C LEU B 93 -0.83 -14.97 17.86
N ASP B 94 -1.08 -15.82 18.87
CA ASP B 94 -2.19 -15.50 19.77
C ASP B 94 -1.97 -14.17 20.49
N ASN B 95 -0.72 -13.85 20.84
CA ASN B 95 -0.46 -12.57 21.50
C ASN B 95 -0.62 -11.37 20.60
N VAL B 96 -0.47 -11.53 19.27
CA VAL B 96 -0.74 -10.43 18.34
C VAL B 96 -2.14 -9.90 18.56
N GLN B 97 -3.10 -10.79 18.67
CA GLN B 97 -4.48 -10.41 18.91
C GLN B 97 -4.69 -10.06 20.38
N GLU B 98 -4.07 -10.80 21.29
CA GLU B 98 -4.35 -10.60 22.71
C GLU B 98 -3.66 -9.34 23.24
N LYS B 99 -2.32 -9.37 23.30
CA LYS B 99 -1.51 -8.32 23.90
C LYS B 99 -1.20 -7.13 22.97
N TRP B 100 -0.65 -7.39 21.77
CA TRP B 100 -0.01 -6.30 21.02
C TRP B 100 -1.04 -5.34 20.44
N ILE B 101 -2.14 -5.85 19.92
CA ILE B 101 -3.17 -5.00 19.34
C ILE B 101 -3.75 -4.10 20.41
N SER B 102 -3.93 -4.64 21.62
CA SER B 102 -4.53 -3.87 22.69
C SER B 102 -3.63 -2.72 23.05
N GLU B 103 -2.32 -2.98 23.07
CA GLU B 103 -1.35 -1.93 23.30
C GLU B 103 -1.41 -0.85 22.22
N VAL B 104 -1.34 -1.24 20.94
CA VAL B 104 -1.34 -0.23 19.88
C VAL B 104 -2.64 0.57 19.92
N LEU B 105 -3.78 -0.09 20.16
CA LEU B 105 -5.02 0.68 20.24
C LEU B 105 -5.04 1.59 21.45
N HIS B 106 -4.42 1.19 22.54
CA HIS B 106 -4.34 2.06 23.70
C HIS B 106 -3.48 3.30 23.39
N PHE B 107 -2.33 3.09 22.72
CA PHE B 107 -1.33 4.14 22.51
C PHE B 107 -1.33 4.80 21.14
N CYS B 108 -1.94 4.22 20.11
CA CYS B 108 -1.73 4.72 18.76
C CYS B 108 -3.04 4.82 18.00
N SER B 109 -3.77 3.70 17.89
CA SER B 109 -5.09 3.68 17.27
C SER B 109 -5.07 4.09 15.80
N SER B 110 -4.64 5.32 15.52
CA SER B 110 -4.76 5.91 14.19
C SER B 110 -3.53 5.69 13.34
N LEU B 111 -2.65 4.75 13.73
CA LEU B 111 -1.51 4.48 12.87
C LEU B 111 -1.74 3.21 12.07
N PRO B 112 -1.21 3.14 10.85
CA PRO B 112 -1.32 1.90 10.07
C PRO B 112 -0.47 0.81 10.68
N ILE B 113 -1.00 -0.41 10.65
CA ILE B 113 -0.34 -1.59 11.18
C ILE B 113 -0.07 -2.56 10.04
N LEU B 114 1.20 -2.98 9.93
CA LEU B 114 1.55 -4.14 9.12
C LEU B 114 1.70 -5.34 10.06
N LEU B 115 1.09 -6.47 9.70
CA LEU B 115 1.30 -7.71 10.44
C LEU B 115 2.38 -8.51 9.72
N VAL B 116 3.44 -8.90 10.43
CA VAL B 116 4.61 -9.52 9.82
C VAL B 116 4.86 -10.90 10.40
N ALA B 117 4.72 -11.92 9.53
CA ALA B 117 5.16 -13.28 9.83
C ALA B 117 6.67 -13.37 9.65
N CYS B 118 7.39 -13.59 10.76
CA CYS B 118 8.84 -13.70 10.72
C CYS B 118 9.24 -15.16 10.77
N LYS B 119 10.51 -15.44 10.43
CA LYS B 119 11.05 -16.81 10.46
C LYS B 119 10.28 -17.73 9.51
N ALA B 120 9.84 -17.18 8.37
CA ALA B 120 9.00 -17.96 7.46
C ALA B 120 9.69 -19.24 7.02
N ASP B 121 11.03 -19.26 7.03
CA ASP B 121 11.83 -20.41 6.64
C ASP B 121 11.56 -21.64 7.50
N LEU B 122 10.96 -21.47 8.67
CA LEU B 122 10.70 -22.59 9.56
C LEU B 122 9.37 -23.27 9.27
N ARG B 123 8.61 -22.79 8.28
CA ARG B 123 7.26 -23.31 8.07
C ARG B 123 7.24 -24.80 7.82
N ASN B 124 8.14 -25.31 6.98
CA ASN B 124 8.09 -26.72 6.63
C ASN B 124 9.17 -27.53 7.32
N ASP B 125 9.76 -27.01 8.37
CA ASP B 125 10.90 -27.68 8.97
C ASP B 125 10.42 -28.83 9.86
N PRO B 126 10.87 -30.06 9.60
CA PRO B 126 10.31 -31.23 10.29
C PRO B 126 10.47 -31.20 11.79
N LYS B 127 11.62 -30.71 12.28
CA LYS B 127 11.85 -30.65 13.72
C LYS B 127 10.83 -29.76 14.39
N ILE B 128 10.52 -28.61 13.77
CA ILE B 128 9.49 -27.75 14.33
C ILE B 128 8.12 -28.43 14.25
N ILE B 129 7.81 -29.05 13.11
CA ILE B 129 6.54 -29.74 12.95
C ILE B 129 6.36 -30.83 14.02
N GLU B 130 7.42 -31.61 14.29
CA GLU B 130 7.32 -32.59 15.36
C GLU B 130 7.15 -31.96 16.74
N GLU B 131 7.86 -30.87 17.05
CA GLU B 131 7.68 -30.22 18.36
C GLU B 131 6.26 -29.68 18.52
N LEU B 132 5.75 -28.93 17.53
CA LEU B 132 4.41 -28.41 17.59
C LEU B 132 3.33 -29.50 17.56
N SER B 133 3.64 -30.65 16.94
CA SER B 133 2.70 -31.76 16.90
C SER B 133 2.27 -32.18 18.30
N LYS B 134 3.21 -32.14 19.24
CA LYS B 134 2.98 -32.66 20.59
C LYS B 134 1.79 -32.03 21.27
N THR B 135 1.46 -30.79 20.91
CA THR B 135 0.27 -30.10 21.40
C THR B 135 -0.81 -29.92 20.33
N ASN B 136 -0.73 -30.68 19.23
CA ASN B 136 -1.65 -30.51 18.10
C ASN B 136 -1.57 -29.11 17.50
N GLN B 137 -0.38 -28.51 17.49
CA GLN B 137 -0.18 -27.25 16.81
C GLN B 137 0.66 -27.45 15.55
N HIS B 138 0.58 -26.49 14.65
CA HIS B 138 1.31 -26.50 13.39
C HIS B 138 1.94 -25.13 13.19
N PRO B 139 3.01 -25.05 12.38
CA PRO B 139 3.48 -23.72 11.97
C PRO B 139 2.29 -22.94 11.42
N VAL B 140 2.33 -21.61 11.62
CA VAL B 140 1.27 -20.74 11.10
C VAL B 140 1.19 -20.77 9.57
N THR B 141 -0.03 -20.91 9.06
CA THR B 141 -0.30 -20.84 7.64
C THR B 141 -0.55 -19.38 7.22
N THR B 142 -0.28 -19.10 5.95
CA THR B 142 -0.59 -17.78 5.40
C THR B 142 -2.05 -17.43 5.63
N GLU B 143 -2.93 -18.41 5.47
CA GLU B 143 -4.36 -18.26 5.75
C GLU B 143 -4.60 -17.70 7.15
N GLU B 144 -4.14 -18.43 8.16
CA GLU B 144 -4.29 -17.99 9.55
C GLU B 144 -3.65 -16.62 9.76
N GLY B 145 -2.51 -16.38 9.13
CA GLY B 145 -1.84 -15.11 9.28
C GLY B 145 -2.61 -13.96 8.65
N GLN B 146 -3.05 -14.15 7.41
CA GLN B 146 -3.94 -13.19 6.76
C GLN B 146 -5.26 -13.06 7.50
N ALA B 147 -5.70 -14.12 8.16
CA ALA B 147 -6.95 -14.06 8.91
C ALA B 147 -6.80 -13.19 10.14
N VAL B 148 -5.65 -13.26 10.82
CA VAL B 148 -5.43 -12.46 12.02
C VAL B 148 -5.23 -11.00 11.65
N ALA B 149 -4.56 -10.74 10.52
CA ALA B 149 -4.37 -9.37 10.04
C ALA B 149 -5.69 -8.65 9.84
N GLN B 150 -6.68 -9.35 9.26
CA GLN B 150 -8.00 -8.76 9.09
C GLN B 150 -8.67 -8.52 10.43
N LYS B 151 -8.58 -9.52 11.33
CA LYS B 151 -9.22 -9.45 12.64
C LYS B 151 -8.73 -8.23 13.40
N ILE B 152 -7.44 -7.93 13.27
CA ILE B 152 -6.83 -6.81 13.98
C ILE B 152 -6.77 -5.57 13.09
N GLY B 153 -7.37 -5.64 11.89
CA GLY B 153 -7.51 -4.43 11.12
C GLY B 153 -6.25 -3.91 10.47
N ALA B 154 -5.29 -4.78 10.20
CA ALA B 154 -4.02 -4.34 9.65
C ALA B 154 -4.09 -3.89 8.20
N TYR B 155 -3.11 -3.07 7.85
CA TYR B 155 -2.98 -2.47 6.52
C TYR B 155 -2.50 -3.48 5.50
N LYS B 156 -1.60 -4.36 5.91
CA LYS B 156 -1.10 -5.38 5.01
C LYS B 156 -0.62 -6.51 5.91
N TYR B 157 -0.60 -7.70 5.33
CA TYR B 157 -0.03 -8.90 5.92
C TYR B 157 1.16 -9.26 5.05
N LEU B 158 2.31 -9.49 5.67
CA LEU B 158 3.49 -9.89 4.92
C LEU B 158 4.22 -10.98 5.66
N GLU B 159 4.92 -11.82 4.88
CA GLU B 159 5.73 -12.88 5.44
C GLU B 159 7.17 -12.62 5.06
N CYS B 160 8.11 -13.03 5.91
CA CYS B 160 9.49 -12.81 5.57
C CYS B 160 10.35 -13.82 6.31
N SER B 161 11.61 -13.91 5.87
CA SER B 161 12.63 -14.68 6.57
C SER B 161 13.89 -13.84 6.58
N ALA B 162 14.26 -13.34 7.76
CA ALA B 162 15.55 -12.69 7.90
C ALA B 162 16.67 -13.64 7.53
N LYS B 163 16.52 -14.91 7.94
CA LYS B 163 17.61 -15.85 7.81
C LYS B 163 17.93 -16.10 6.35
N THR B 164 16.91 -16.28 5.51
CA THR B 164 17.20 -16.50 4.11
C THR B 164 17.20 -15.20 3.29
N ASN B 165 16.81 -14.08 3.88
CA ASN B 165 16.73 -12.80 3.20
C ASN B 165 15.57 -12.79 2.19
N GLU B 166 14.43 -13.36 2.57
CA GLU B 166 13.28 -13.41 1.68
C GLU B 166 12.20 -12.48 2.21
N GLY B 167 11.71 -11.58 1.36
CA GLY B 167 10.59 -10.77 1.74
C GLY B 167 10.92 -9.60 2.65
N VAL B 168 12.19 -9.42 3.00
CA VAL B 168 12.58 -8.38 3.95
C VAL B 168 12.34 -6.99 3.33
N ARG B 169 12.81 -6.79 2.11
CA ARG B 169 12.64 -5.51 1.44
C ARG B 169 11.17 -5.12 1.32
N GLU B 170 10.32 -6.10 0.99
CA GLU B 170 8.92 -5.82 0.78
C GLU B 170 8.26 -5.29 2.05
N VAL B 171 8.64 -5.82 3.21
CA VAL B 171 8.16 -5.29 4.49
C VAL B 171 8.44 -3.80 4.62
N PHE B 172 9.69 -3.40 4.43
CA PHE B 172 10.04 -1.99 4.64
C PHE B 172 9.61 -1.06 3.52
N GLU B 173 9.53 -1.54 2.27
CA GLU B 173 8.98 -0.66 1.24
C GLU B 173 7.50 -0.42 1.47
N SER B 174 6.75 -1.49 1.76
CA SER B 174 5.33 -1.37 2.07
C SER B 174 5.11 -0.47 3.29
N ALA B 175 5.75 -0.79 4.42
CA ALA B 175 5.61 0.05 5.61
C ALA B 175 5.84 1.52 5.30
N THR B 176 6.83 1.81 4.45
CA THR B 176 7.09 3.19 4.07
C THR B 176 5.95 3.78 3.26
N ARG B 177 5.38 3.01 2.33
CA ARG B 177 4.24 3.53 1.57
C ARG B 177 3.09 3.92 2.51
N ALA B 178 2.83 3.08 3.52
CA ALA B 178 1.79 3.40 4.50
C ALA B 178 2.13 4.64 5.32
N ALA B 179 3.39 4.75 5.75
CA ALA B 179 3.84 5.87 6.56
C ALA B 179 3.73 7.23 5.88
N MET B 180 3.58 7.30 4.56
CA MET B 180 3.62 8.59 3.87
C MET B 180 2.28 9.32 3.85
N LEU B 181 1.47 9.22 4.89
CA LEU B 181 0.14 9.84 4.84
C LEU B 181 -0.26 10.54 6.16
MG MG C . -16.15 10.36 -19.49
PB GDP D . -13.10 9.51 -20.03
O1B GDP D . -13.63 10.79 -20.68
O2B GDP D . -12.06 9.85 -19.01
O3B GDP D . -14.24 8.73 -19.36
O3A GDP D . -12.39 8.70 -21.20
PA GDP D . -13.12 7.48 -21.91
O1A GDP D . -13.03 6.23 -21.08
O2A GDP D . -14.54 7.82 -22.30
O5' GDP D . -12.20 7.38 -23.20
C5' GDP D . -12.16 8.47 -24.11
C4' GDP D . -11.40 8.00 -25.33
O4' GDP D . -10.19 7.43 -24.83
C3' GDP D . -12.13 6.89 -26.04
O3' GDP D . -11.87 6.98 -27.44
C2' GDP D . -11.49 5.63 -25.53
O2' GDP D . -11.63 4.51 -26.40
C1' GDP D . -10.05 6.11 -25.38
N9 GDP D . -9.34 5.25 -24.44
C8 GDP D . -9.77 4.91 -23.20
N7 GDP D . -8.88 4.10 -22.59
C5 GDP D . -7.85 3.91 -23.44
C6 GDP D . -6.58 3.16 -23.42
O6 GDP D . -6.25 2.49 -22.41
N1 GDP D . -5.80 3.25 -24.49
C2 GDP D . -6.13 3.97 -25.58
N2 GDP D . -5.27 3.99 -26.64
N3 GDP D . -7.29 4.68 -25.68
C4 GDP D . -8.17 4.68 -24.66
MG MG E . 14.78 -7.82 20.15
PB GDP F . 13.71 -10.34 18.81
O1B GDP F . 14.62 -9.18 18.50
O2B GDP F . 12.30 -10.10 18.33
O3B GDP F . 13.73 -10.63 20.29
O3A GDP F . 14.28 -11.64 18.08
PA GDP F . 15.80 -11.73 17.54
O1A GDP F . 16.03 -10.93 16.28
O2A GDP F . 16.84 -11.37 18.58
O5' GDP F . 15.75 -13.32 17.21
C5' GDP F . 15.58 -14.28 18.25
C4' GDP F . 16.06 -15.63 17.76
O4' GDP F . 15.38 -15.90 16.54
C3' GDP F . 17.55 -15.62 17.41
O3' GDP F . 18.14 -16.88 17.72
C2' GDP F . 17.61 -15.51 15.90
O2' GDP F . 18.78 -16.17 15.44
C1' GDP F . 16.33 -16.22 15.51
N9 GDP F . 15.85 -15.72 14.20
C8 GDP F . 15.68 -14.42 13.90
N7 GDP F . 15.20 -14.29 12.63
C5 GDP F . 15.07 -15.54 12.12
C6 GDP F . 14.64 -16.13 10.82
O6 GDP F . 14.27 -15.44 9.84
N1 GDP F . 14.65 -17.44 10.71
C2 GDP F . 15.03 -18.26 11.69
N2 GDP F . 14.99 -19.59 11.42
N3 GDP F . 15.46 -17.79 12.90
C4 GDP F . 15.49 -16.47 13.16
#